data_3MOD
#
_entry.id   3MOD
#
_cell.length_a   58.826
_cell.length_b   64.434
_cell.length_c   178.982
_cell.angle_alpha   90.00
_cell.angle_beta   90.00
_cell.angle_gamma   90.00
#
_symmetry.space_group_name_H-M   'P 21 21 21'
#
loop_
_entity.id
_entity.type
_entity.pdbx_description
1 polymer 'gp41 MPER-derived peptide'
2 polymer 'ANTI-HIV-1 ANTIBODY 2F5 LIGHT CHAIN'
3 polymer 'ANTI-HIV-1 ANTIBODY 2F5 HEAVY CHAIN'
4 water water
#
loop_
_entity_poly.entity_id
_entity_poly.type
_entity_poly.pdbx_seq_one_letter_code
_entity_poly.pdbx_strand_id
1 'polypeptide(L)' LLELDKWASLW(NH2) P
2 'polypeptide(L)'
;ALQLTQSPSSLSASVGDRITITCRASQGVTSALAWYRQKPGSPPQLLIYDASSLESGVPSRFSGSGSGTEFTLTISTLRP
EDFATYYCQQLHFYPHTFGGGTRVDVRRTVAAPSVFIFPPSDEQLKSGTASVVCLLNNFYPREAKVQWKVDNALQSGNSQ
ESVTEQDSKDSTYSLSSTLTLSKADYEKHKVYACEVTHQGLSSPVTKSFNRGEC
;
L
3 'polypeptide(L)'
;RITLKESGPPLVKPTQTLTLTCSFSGFSLSDFGVGVGWIRQPPGKALEWLAIIYSDDDKRYSPSLNTRLTITKDTSKNQV
VLVMTRVSPVDTATYFCAHRRGPTTLFGVPIARGPVNAMDVWGQGITVTISSTSTKGPSVFPLAPSSKSTSGGTAALGCL
VKDYFPEPVTVSWNSGALTSGVHTFPAVLQSSGLYSLSSVVTVPSSSLGTQTYICNVNHKPSNTKVDKRVEPKSCDK
;
H
#
# COMPACT_ATOMS: atom_id res chain seq x y z
N LEU A 1 28.65 -15.95 4.79
CA LEU A 1 29.27 -15.09 3.78
C LEU A 1 28.34 -14.87 2.59
N LEU A 2 27.98 -13.62 2.34
CA LEU A 2 27.05 -13.30 1.29
C LEU A 2 27.70 -13.45 -0.05
N GLU A 3 26.92 -13.87 -1.03
CA GLU A 3 27.41 -13.96 -2.37
C GLU A 3 27.50 -12.62 -3.07
N LEU A 4 28.53 -12.45 -3.86
CA LEU A 4 28.71 -11.23 -4.56
C LEU A 4 27.95 -11.17 -5.85
N ASP A 5 27.51 -9.97 -6.18
CA ASP A 5 26.85 -9.65 -7.39
C ASP A 5 27.69 -10.04 -8.59
N LYS A 6 27.02 -10.25 -9.69
CA LYS A 6 27.65 -10.56 -10.94
C LYS A 6 28.79 -9.62 -11.25
N TRP A 7 28.59 -8.34 -10.98
CA TRP A 7 29.53 -7.32 -11.34
C TRP A 7 30.34 -6.74 -10.20
N ALA A 8 30.29 -7.32 -9.04
CA ALA A 8 30.98 -6.78 -7.88
C ALA A 8 32.49 -6.71 -8.02
N SER A 9 33.04 -7.49 -8.92
CA SER A 9 34.45 -7.57 -9.10
C SER A 9 34.97 -6.80 -10.30
N LEU A 10 34.08 -6.18 -11.03
CA LEU A 10 34.45 -5.38 -12.15
C LEU A 10 34.75 -3.99 -11.67
N TRP A 11 35.82 -3.38 -12.16
CA TRP A 11 36.14 -1.99 -11.87
C TRP A 11 35.00 -1.03 -12.17
N ALA B 1 23.46 -11.47 6.72
CA ALA B 1 22.31 -11.01 5.95
C ALA B 1 22.25 -9.50 5.93
N LEU B 2 22.00 -8.94 4.75
CA LEU B 2 22.16 -7.53 4.60
C LEU B 2 20.93 -6.77 4.88
N GLN B 3 21.04 -5.79 5.75
CA GLN B 3 19.96 -4.91 6.04
C GLN B 3 20.20 -3.51 5.54
N LEU B 4 19.21 -2.94 4.92
CA LEU B 4 19.23 -1.56 4.54
C LEU B 4 18.19 -0.79 5.31
N THR B 5 18.61 0.22 6.03
CA THR B 5 17.73 0.97 6.88
C THR B 5 17.58 2.38 6.37
N GLN B 6 16.38 2.74 5.97
CA GLN B 6 16.11 4.07 5.46
C GLN B 6 15.58 4.98 6.54
N SER B 7 15.99 6.22 6.52
CA SER B 7 15.52 7.17 7.50
C SER B 7 15.43 8.56 6.93
N PRO B 8 14.39 9.28 7.29
CA PRO B 8 13.35 8.78 8.16
C PRO B 8 12.40 7.88 7.41
N SER B 9 11.50 7.18 8.06
CA SER B 9 10.56 6.39 7.33
C SER B 9 9.43 7.24 6.83
N SER B 10 9.32 8.42 7.38
CA SER B 10 8.32 9.35 6.97
C SER B 10 8.81 10.76 7.22
N LEU B 11 8.46 11.67 6.34
CA LEU B 11 8.76 13.07 6.52
C LEU B 11 7.76 13.96 5.81
N SER B 12 7.53 15.16 6.32
CA SER B 12 6.69 16.11 5.63
C SER B 12 7.46 17.31 5.22
N ALA B 13 7.04 17.95 4.15
CA ALA B 13 7.77 19.08 3.65
C ALA B 13 6.85 19.87 2.74
N SER B 14 7.37 20.96 2.19
CA SER B 14 6.54 21.84 1.38
C SER B 14 7.23 22.07 0.05
N VAL B 15 6.45 22.35 -0.99
CA VAL B 15 7.04 22.69 -2.27
C VAL B 15 8.16 23.70 -2.08
N GLY B 16 9.28 23.49 -2.77
CA GLY B 16 10.42 24.39 -2.66
C GLY B 16 11.40 23.99 -1.58
N ASP B 17 10.99 23.07 -0.70
CA ASP B 17 11.87 22.60 0.36
C ASP B 17 13.06 21.76 -0.16
N ARG B 18 14.12 21.71 0.61
CA ARG B 18 15.17 20.80 0.34
C ARG B 18 15.09 19.68 1.36
N ILE B 19 15.12 18.44 0.88
CA ILE B 19 15.05 17.30 1.77
C ILE B 19 16.15 16.28 1.50
N THR B 20 16.46 15.53 2.54
CA THR B 20 17.50 14.53 2.51
C THR B 20 16.97 13.25 3.11
N ILE B 21 17.20 12.13 2.42
CA ILE B 21 16.88 10.80 2.93
C ILE B 21 18.16 9.98 2.96
N THR B 22 18.32 9.18 4.02
CA THR B 22 19.54 8.39 4.15
C THR B 22 19.25 6.90 4.17
N CYS B 23 20.25 6.12 3.75
CA CYS B 23 20.17 4.67 3.73
C CYS B 23 21.45 4.21 4.40
N ARG B 24 21.36 3.30 5.37
CA ARG B 24 22.55 2.70 5.95
C ARG B 24 22.57 1.20 5.73
N ALA B 25 23.70 0.68 5.27
CA ALA B 25 23.82 -0.74 5.02
C ALA B 25 24.59 -1.42 6.15
N SER B 26 24.13 -2.60 6.57
CA SER B 26 24.78 -3.34 7.65
C SER B 26 26.17 -3.82 7.26
N GLN B 27 26.48 -3.81 5.96
CA GLN B 27 27.81 -4.14 5.44
C GLN B 27 28.10 -3.21 4.27
N GLY B 28 29.37 -2.99 3.98
CA GLY B 28 29.75 -2.13 2.87
C GLY B 28 29.26 -2.67 1.54
N VAL B 29 28.61 -1.81 0.76
CA VAL B 29 28.12 -2.23 -0.53
C VAL B 29 28.79 -1.40 -1.63
N THR B 30 29.99 -0.91 -1.32
CA THR B 30 30.75 -0.03 -2.23
C THR B 30 29.88 1.11 -2.74
N SER B 31 29.69 1.22 -4.05
CA SER B 31 28.87 2.28 -4.61
C SER B 31 27.59 1.72 -5.22
N ALA B 32 27.32 0.44 -4.95
CA ALA B 32 26.23 -0.30 -5.62
C ALA B 32 24.86 -0.03 -5.00
N LEU B 33 24.43 1.21 -5.08
CA LEU B 33 23.19 1.65 -4.41
C LEU B 33 22.40 2.52 -5.37
N ALA B 34 21.13 2.15 -5.61
CA ALA B 34 20.26 2.92 -6.48
C ALA B 34 19.09 3.52 -5.70
N TRP B 35 18.61 4.67 -6.15
CA TRP B 35 17.44 5.32 -5.53
C TRP B 35 16.27 5.42 -6.51
N TYR B 36 15.06 5.15 -6.02
CA TYR B 36 13.83 5.16 -6.83
C TYR B 36 12.72 6.01 -6.18
N ARG B 37 11.88 6.60 -7.03
CA ARG B 37 10.67 7.26 -6.57
C ARG B 37 9.47 6.47 -7.08
N GLN B 38 8.50 6.21 -6.20
CA GLN B 38 7.29 5.53 -6.61
C GLN B 38 6.04 6.32 -6.18
N LYS B 39 5.20 6.62 -7.14
CA LYS B 39 3.91 7.26 -6.89
C LYS B 39 2.85 6.17 -6.84
N PRO B 40 1.76 6.41 -6.11
CA PRO B 40 0.70 5.41 -5.92
C PRO B 40 0.15 4.94 -7.26
N GLY B 41 -0.05 3.63 -7.39
CA GLY B 41 -0.54 3.03 -8.63
C GLY B 41 0.50 2.92 -9.74
N SER B 42 1.73 3.33 -9.45
CA SER B 42 2.77 3.32 -10.49
C SER B 42 4.01 2.50 -10.10
N PRO B 43 4.79 2.08 -11.11
CA PRO B 43 6.03 1.39 -10.77
C PRO B 43 7.10 2.37 -10.26
N PRO B 44 8.07 1.86 -9.48
CA PRO B 44 9.24 2.68 -9.14
C PRO B 44 9.91 3.27 -10.40
N GLN B 45 10.53 4.43 -10.25
CA GLN B 45 11.21 5.12 -11.33
C GLN B 45 12.59 5.43 -10.82
N LEU B 46 13.61 5.08 -11.61
CA LEU B 46 15.01 5.24 -11.20
C LEU B 46 15.40 6.71 -11.18
N LEU B 47 16.01 7.15 -10.08
CA LEU B 47 16.53 8.50 -9.97
C LEU B 47 18.06 8.53 -10.10
N ILE B 48 18.72 7.68 -9.31
CA ILE B 48 20.15 7.73 -9.14
C ILE B 48 20.63 6.30 -9.19
N TYR B 49 21.67 6.04 -9.96
CA TYR B 49 22.33 4.73 -9.93
C TYR B 49 23.78 4.84 -9.45
N ASP B 50 24.33 3.72 -9.01
CA ASP B 50 25.72 3.65 -8.60
C ASP B 50 25.98 4.74 -7.56
N ALA B 51 25.02 4.95 -6.66
CA ALA B 51 25.14 5.85 -5.51
C ALA B 51 25.07 7.36 -5.81
N SER B 52 25.64 7.80 -6.93
CA SER B 52 25.69 9.23 -7.20
C SER B 52 25.45 9.63 -8.64
N SER B 53 25.23 8.66 -9.51
CA SER B 53 25.05 8.98 -10.93
C SER B 53 23.60 9.31 -11.26
N LEU B 54 23.40 10.47 -11.88
CA LEU B 54 22.06 10.91 -12.22
C LEU B 54 21.61 10.20 -13.46
N GLU B 55 20.48 9.49 -13.35
CA GLU B 55 19.90 8.77 -14.49
C GLU B 55 19.43 9.76 -15.57
N SER B 56 19.69 9.40 -16.81
CA SER B 56 19.33 10.23 -17.94
C SER B 56 17.84 10.55 -17.95
N GLY B 57 17.50 11.82 -18.12
CA GLY B 57 16.11 12.23 -18.15
C GLY B 57 15.57 12.62 -16.78
N VAL B 58 16.33 12.33 -15.74
CA VAL B 58 15.95 12.71 -14.40
C VAL B 58 16.33 14.18 -14.11
N PRO B 59 15.37 14.94 -13.56
CA PRO B 59 15.56 16.37 -13.24
C PRO B 59 16.79 16.60 -12.40
N SER B 60 17.43 17.75 -12.62
CA SER B 60 18.70 18.04 -11.97
C SER B 60 18.59 18.27 -10.47
N ARG B 61 17.37 18.48 -9.98
CA ARG B 61 17.20 18.67 -8.53
C ARG B 61 17.56 17.43 -7.71
N PHE B 62 17.63 16.26 -8.34
CA PHE B 62 18.01 15.04 -7.61
C PHE B 62 19.51 14.81 -7.57
N SER B 63 20.02 14.43 -6.40
CA SER B 63 21.41 14.07 -6.29
C SER B 63 21.61 13.01 -5.23
N GLY B 64 22.63 12.19 -5.42
CA GLY B 64 22.95 11.13 -4.48
C GLY B 64 24.39 11.23 -4.05
N SER B 65 24.69 10.71 -2.86
CA SER B 65 26.01 10.81 -2.29
C SER B 65 26.30 9.61 -1.40
N GLY B 66 27.57 9.29 -1.22
CA GLY B 66 27.99 8.29 -0.26
C GLY B 66 28.65 7.06 -0.88
N SER B 67 29.23 6.22 -0.05
CA SER B 67 29.90 5.02 -0.53
C SER B 67 30.13 4.16 0.69
N GLY B 68 30.14 2.84 0.53
CA GLY B 68 30.32 1.96 1.67
C GLY B 68 29.02 1.64 2.41
N THR B 69 28.84 2.14 3.63
CA THR B 69 27.66 1.80 4.41
C THR B 69 26.64 2.95 4.51
N GLU B 70 27.01 4.14 4.06
CA GLU B 70 26.15 5.31 4.32
C GLU B 70 25.87 6.14 3.07
N PHE B 71 24.59 6.37 2.79
CA PHE B 71 24.17 6.94 1.52
C PHE B 71 23.06 7.96 1.69
N THR B 72 23.06 8.97 0.82
CA THR B 72 22.05 10.01 0.91
C THR B 72 21.48 10.36 -0.46
N LEU B 73 20.16 10.56 -0.48
CA LEU B 73 19.48 11.16 -1.61
C LEU B 73 19.04 12.57 -1.23
N THR B 74 19.30 13.53 -2.12
CA THR B 74 18.93 14.92 -1.86
C THR B 74 18.05 15.44 -2.98
N ILE B 75 16.95 16.07 -2.59
CA ILE B 75 16.16 16.83 -3.53
C ILE B 75 16.32 18.29 -3.14
N SER B 76 16.91 19.08 -4.03
CA SER B 76 17.26 20.45 -3.70
C SER B 76 16.02 21.34 -3.52
N THR B 77 15.04 21.16 -4.41
CA THR B 77 13.84 21.98 -4.40
C THR B 77 12.62 21.11 -4.68
N LEU B 78 11.89 20.74 -3.63
CA LEU B 78 10.75 19.86 -3.78
C LEU B 78 9.73 20.39 -4.80
N ARG B 79 9.25 19.52 -5.67
CA ARG B 79 8.20 19.86 -6.62
C ARG B 79 6.95 19.04 -6.29
N PRO B 80 5.79 19.46 -6.80
CA PRO B 80 4.54 18.75 -6.48
C PRO B 80 4.61 17.24 -6.77
N GLU B 81 5.26 16.85 -7.85
CA GLU B 81 5.35 15.43 -8.23
C GLU B 81 6.32 14.62 -7.36
N ASP B 82 7.02 15.29 -6.45
CA ASP B 82 7.96 14.60 -5.57
C ASP B 82 7.34 14.07 -4.27
N PHE B 83 6.08 14.37 -4.02
CA PHE B 83 5.39 13.79 -2.86
C PHE B 83 5.06 12.33 -3.18
N ALA B 84 5.69 11.41 -2.47
CA ALA B 84 5.80 10.04 -2.98
C ALA B 84 6.58 9.20 -2.00
N THR B 85 6.80 7.94 -2.35
CA THR B 85 7.61 7.05 -1.52
C THR B 85 8.92 6.77 -2.24
N TYR B 86 10.01 6.76 -1.47
CA TYR B 86 11.34 6.59 -2.04
C TYR B 86 11.95 5.33 -1.50
N TYR B 87 12.60 4.57 -2.38
CA TYR B 87 13.33 3.37 -1.97
C TYR B 87 14.80 3.39 -2.39
N CYS B 88 15.65 2.79 -1.56
CA CYS B 88 17.01 2.47 -1.96
C CYS B 88 17.08 0.98 -2.25
N GLN B 89 18.06 0.59 -3.05
CA GLN B 89 18.32 -0.82 -3.35
C GLN B 89 19.83 -1.02 -3.45
N GLN B 90 20.34 -2.09 -2.86
CA GLN B 90 21.77 -2.39 -3.01
C GLN B 90 21.94 -3.54 -3.99
N LEU B 91 22.96 -3.44 -4.86
CA LEU B 91 23.19 -4.47 -5.87
C LEU B 91 24.61 -5.04 -5.81
N HIS B 92 25.22 -4.96 -4.64
CA HIS B 92 26.58 -5.46 -4.43
C HIS B 92 26.59 -6.95 -4.03
N PHE B 93 25.62 -7.33 -3.20
CA PHE B 93 25.44 -8.72 -2.79
C PHE B 93 24.13 -9.29 -3.29
N TYR B 94 24.12 -10.58 -3.61
CA TYR B 94 22.84 -11.29 -3.70
C TYR B 94 22.42 -11.74 -2.29
N PRO B 95 21.11 -11.73 -2.00
CA PRO B 95 20.08 -11.17 -2.87
C PRO B 95 20.13 -9.64 -2.87
N HIS B 96 19.77 -9.02 -3.98
CA HIS B 96 19.64 -7.59 -3.99
C HIS B 96 18.58 -7.23 -2.95
N THR B 97 18.75 -6.10 -2.27
CA THR B 97 17.86 -5.72 -1.17
C THR B 97 17.31 -4.34 -1.38
N PHE B 98 16.03 -4.17 -1.08
CA PHE B 98 15.45 -2.84 -1.01
C PHE B 98 15.34 -2.37 0.45
N GLY B 99 15.43 -1.06 0.66
CA GLY B 99 15.10 -0.47 1.95
C GLY B 99 13.60 -0.47 2.19
N GLY B 100 13.18 -0.04 3.38
CA GLY B 100 11.77 -0.09 3.75
C GLY B 100 10.91 1.02 3.18
N GLY B 101 11.56 2.01 2.58
CA GLY B 101 10.83 3.11 1.99
C GLY B 101 10.73 4.33 2.90
N THR B 102 10.59 5.48 2.27
CA THR B 102 10.44 6.73 2.98
C THR B 102 9.32 7.46 2.26
N ARG B 103 8.26 7.74 3.01
CA ARG B 103 7.08 8.40 2.50
C ARG B 103 7.24 9.91 2.75
N VAL B 104 7.03 10.70 1.70
CA VAL B 104 7.19 12.13 1.79
C VAL B 104 5.83 12.75 1.53
N ASP B 105 5.27 13.47 2.50
CA ASP B 105 3.95 14.06 2.26
C ASP B 105 3.93 15.58 2.43
N VAL B 106 2.78 16.16 2.07
CA VAL B 106 2.61 17.61 2.15
C VAL B 106 2.43 18.05 3.60
N ARG B 107 3.26 19.00 4.03
CA ARG B 107 3.19 19.51 5.39
C ARG B 107 2.05 20.51 5.56
N ARG B 108 1.41 20.45 6.73
CA ARG B 108 0.37 21.41 7.12
C ARG B 108 0.36 21.51 8.63
N THR B 109 -0.41 22.45 9.17
CA THR B 109 -0.49 22.61 10.63
C THR B 109 -1.07 21.34 11.27
N VAL B 110 -0.60 21.01 12.46
CA VAL B 110 -1.15 19.86 13.18
C VAL B 110 -2.68 19.96 13.31
N ALA B 111 -3.37 18.87 13.01
CA ALA B 111 -4.82 18.81 13.11
C ALA B 111 -5.28 17.54 13.82
N ALA B 112 -5.84 17.72 15.02
CA ALA B 112 -6.39 16.59 15.75
C ALA B 112 -7.57 15.98 15.00
N PRO B 113 -7.76 14.66 15.14
CA PRO B 113 -8.86 13.99 14.46
C PRO B 113 -10.18 14.26 15.19
N SER B 114 -11.27 14.31 14.45
CA SER B 114 -12.59 14.24 15.07
C SER B 114 -12.92 12.76 15.14
N VAL B 115 -13.30 12.29 16.31
CA VAL B 115 -13.52 10.85 16.51
C VAL B 115 -15.01 10.55 16.64
N PHE B 116 -15.46 9.53 15.91
CA PHE B 116 -16.84 9.11 15.97
C PHE B 116 -16.86 7.61 16.15
N ILE B 117 -17.82 7.11 16.91
CA ILE B 117 -17.97 5.66 17.06
C ILE B 117 -19.36 5.24 16.56
N PHE B 118 -19.43 4.08 15.89
CA PHE B 118 -20.68 3.59 15.32
C PHE B 118 -20.96 2.19 15.84
N PRO B 119 -22.10 2.01 16.53
CA PRO B 119 -22.49 0.66 16.94
C PRO B 119 -22.88 -0.15 15.71
N PRO B 120 -22.95 -1.47 15.85
CA PRO B 120 -23.44 -2.31 14.75
C PRO B 120 -24.93 -2.05 14.55
N SER B 121 -25.40 -2.17 13.30
CA SER B 121 -26.80 -1.96 12.98
C SER B 121 -27.61 -3.18 13.36
N ASP B 122 -28.89 -2.97 13.66
CA ASP B 122 -29.75 -4.09 14.00
C ASP B 122 -29.80 -5.07 12.83
N GLU B 123 -29.71 -4.54 11.61
CA GLU B 123 -29.71 -5.37 10.41
C GLU B 123 -28.54 -6.35 10.41
N GLN B 124 -27.34 -5.86 10.69
CA GLN B 124 -26.18 -6.75 10.74
C GLN B 124 -26.33 -7.78 11.85
N LEU B 125 -26.77 -7.32 13.02
CA LEU B 125 -26.90 -8.23 14.16
C LEU B 125 -27.81 -9.41 13.84
N LYS B 126 -28.81 -9.17 12.97
CA LYS B 126 -29.70 -10.26 12.55
C LYS B 126 -28.93 -11.40 11.88
N SER B 127 -27.83 -11.08 11.23
CA SER B 127 -27.09 -12.09 10.48
C SER B 127 -25.95 -12.79 11.26
N GLY B 128 -25.83 -12.51 12.55
CA GLY B 128 -24.89 -13.25 13.38
C GLY B 128 -23.55 -12.60 13.73
N THR B 129 -23.23 -11.49 13.10
CA THR B 129 -22.00 -10.79 13.46
C THR B 129 -22.25 -9.31 13.75
N ALA B 130 -21.31 -8.72 14.48
CA ALA B 130 -21.39 -7.32 14.85
C ALA B 130 -20.08 -6.66 14.45
N SER B 131 -20.17 -5.54 13.75
CA SER B 131 -19.02 -4.70 13.47
C SER B 131 -19.17 -3.36 14.18
N VAL B 132 -18.17 -3.01 14.98
CA VAL B 132 -18.13 -1.70 15.61
C VAL B 132 -17.09 -0.85 14.91
N VAL B 133 -17.46 0.37 14.53
CA VAL B 133 -16.58 1.18 13.70
C VAL B 133 -16.17 2.46 14.42
N CYS B 134 -14.88 2.73 14.42
CA CYS B 134 -14.35 3.99 14.93
C CYS B 134 -13.77 4.79 13.77
N LEU B 135 -14.21 6.03 13.63
CA LEU B 135 -13.76 6.88 12.54
C LEU B 135 -12.97 8.03 13.10
N LEU B 136 -11.76 8.21 12.57
CA LEU B 136 -10.92 9.35 12.89
C LEU B 136 -10.90 10.23 11.67
N ASN B 137 -11.42 11.44 11.78
CA ASN B 137 -11.59 12.26 10.59
C ASN B 137 -10.67 13.48 10.46
N ASN B 138 -10.08 13.64 9.28
CA ASN B 138 -9.35 14.86 8.91
C ASN B 138 -8.21 15.25 9.85
N PHE B 139 -7.27 14.35 10.06
CA PHE B 139 -6.15 14.67 10.93
C PHE B 139 -4.83 14.81 10.16
N TYR B 140 -3.84 15.40 10.83
CA TYR B 140 -2.48 15.51 10.34
C TYR B 140 -1.57 15.77 11.54
N PRO B 141 -0.42 15.08 11.62
CA PRO B 141 0.18 14.16 10.64
C PRO B 141 -0.47 12.78 10.65
N ARG B 142 0.01 11.91 9.76
CA ARG B 142 -0.61 10.61 9.52
C ARG B 142 -0.58 9.62 10.69
N GLU B 143 0.44 9.72 11.54
CA GLU B 143 0.63 8.76 12.61
C GLU B 143 -0.52 8.86 13.63
N ALA B 144 -1.13 7.72 13.97
CA ALA B 144 -2.22 7.68 14.94
C ALA B 144 -2.39 6.27 15.45
N LYS B 145 -2.83 6.15 16.70
CA LYS B 145 -3.02 4.86 17.32
C LYS B 145 -4.45 4.73 17.85
N VAL B 146 -5.05 3.56 17.64
CA VAL B 146 -6.40 3.29 18.11
C VAL B 146 -6.39 2.03 18.96
N GLN B 147 -6.91 2.14 20.18
CA GLN B 147 -7.11 0.96 21.03
C GLN B 147 -8.60 0.70 21.32
N TRP B 148 -9.00 -0.56 21.16
CA TRP B 148 -10.35 -0.99 21.51
C TRP B 148 -10.39 -1.63 22.88
N LYS B 149 -11.38 -1.23 23.69
CA LYS B 149 -11.69 -1.92 24.95
C LYS B 149 -13.18 -2.24 25.00
N VAL B 150 -13.49 -3.48 25.35
CA VAL B 150 -14.86 -3.95 25.57
C VAL B 150 -15.01 -4.27 27.05
N ASP B 151 -15.85 -3.51 27.76
CA ASP B 151 -15.95 -3.63 29.22
C ASP B 151 -14.55 -3.67 29.83
N ASN B 152 -13.72 -2.74 29.37
CA ASN B 152 -12.35 -2.60 29.86
C ASN B 152 -11.35 -3.70 29.50
N ALA B 153 -11.77 -4.69 28.72
CA ALA B 153 -10.84 -5.70 28.24
C ALA B 153 -10.23 -5.27 26.92
N LEU B 154 -8.91 -5.18 26.88
CA LEU B 154 -8.20 -4.77 25.67
C LEU B 154 -8.45 -5.81 24.59
N GLN B 155 -8.77 -5.33 23.39
CA GLN B 155 -9.05 -6.20 22.26
C GLN B 155 -7.79 -6.28 21.40
N SER B 156 -7.36 -7.49 21.09
CA SER B 156 -6.16 -7.67 20.29
C SER B 156 -6.39 -8.75 19.27
N GLY B 157 -6.17 -8.40 18.01
CA GLY B 157 -6.26 -9.37 16.92
C GLY B 157 -7.63 -9.43 16.26
N ASN B 158 -8.57 -8.61 16.71
CA ASN B 158 -9.93 -8.68 16.14
C ASN B 158 -10.40 -7.35 15.56
N SER B 159 -9.45 -6.50 15.21
CA SER B 159 -9.76 -5.25 14.54
C SER B 159 -8.85 -5.03 13.34
N GLN B 160 -9.34 -4.25 12.38
CA GLN B 160 -8.54 -3.85 11.20
C GLN B 160 -8.72 -2.36 10.90
N GLU B 161 -7.64 -1.74 10.48
CA GLU B 161 -7.61 -0.30 10.21
C GLU B 161 -7.48 -0.04 8.71
N SER B 162 -8.00 1.09 8.28
CA SER B 162 -7.85 1.50 6.89
C SER B 162 -7.58 2.99 6.91
N VAL B 163 -6.61 3.46 6.12
CA VAL B 163 -6.32 4.90 6.06
C VAL B 163 -6.46 5.46 4.64
N THR B 164 -6.95 6.69 4.50
CA THR B 164 -7.04 7.31 3.17
C THR B 164 -5.69 7.86 2.72
N GLU B 165 -5.58 8.16 1.43
CA GLU B 165 -4.46 8.93 0.90
C GLU B 165 -4.61 10.37 1.38
N GLN B 166 -3.51 11.12 1.41
CA GLN B 166 -3.56 12.51 1.84
C GLN B 166 -4.52 13.30 0.95
N ASP B 167 -5.34 14.13 1.56
CA ASP B 167 -6.38 14.87 0.84
C ASP B 167 -5.76 15.97 -0.02
N SER B 168 -6.17 16.07 -1.28
CA SER B 168 -5.55 17.03 -2.18
C SER B 168 -5.86 18.49 -1.81
N LYS B 169 -6.98 18.71 -1.14
CA LYS B 169 -7.41 20.06 -0.77
C LYS B 169 -6.87 20.52 0.59
N ASP B 170 -7.15 19.77 1.65
CA ASP B 170 -6.76 20.21 2.98
C ASP B 170 -5.56 19.46 3.56
N SER B 171 -5.04 18.49 2.80
CA SER B 171 -3.82 17.79 3.20
C SER B 171 -3.94 16.89 4.43
N THR B 172 -5.15 16.45 4.74
CA THR B 172 -5.37 15.60 5.93
C THR B 172 -5.58 14.14 5.54
N TYR B 173 -5.57 13.28 6.56
CA TYR B 173 -5.92 11.87 6.42
C TYR B 173 -7.19 11.54 7.20
N SER B 174 -7.85 10.44 6.85
CA SER B 174 -8.87 9.87 7.73
C SER B 174 -8.61 8.38 7.87
N LEU B 175 -9.07 7.79 8.97
CA LEU B 175 -8.80 6.40 9.26
C LEU B 175 -10.05 5.76 9.87
N SER B 176 -10.34 4.53 9.50
CA SER B 176 -11.41 3.77 10.16
C SER B 176 -10.77 2.55 10.81
N SER B 177 -11.21 2.24 12.01
CA SER B 177 -10.83 1.01 12.67
C SER B 177 -12.09 0.21 12.90
N THR B 178 -12.07 -1.06 12.51
CA THR B 178 -13.25 -1.88 12.62
C THR B 178 -13.04 -3.07 13.57
N LEU B 179 -13.83 -3.11 14.65
CA LEU B 179 -13.82 -4.22 15.61
C LEU B 179 -14.89 -5.24 15.26
N THR B 180 -14.48 -6.50 15.15
CA THR B 180 -15.42 -7.55 14.77
C THR B 180 -15.66 -8.54 15.91
N LEU B 181 -16.95 -8.80 16.19
CA LEU B 181 -17.35 -9.77 17.21
C LEU B 181 -18.53 -10.60 16.73
N SER B 182 -18.72 -11.77 17.33
CA SER B 182 -19.95 -12.53 17.11
C SER B 182 -21.11 -11.75 17.75
N LYS B 183 -22.31 -11.92 17.19
CA LYS B 183 -23.51 -11.35 17.80
C LYS B 183 -23.59 -11.74 19.29
N ALA B 184 -23.43 -13.02 19.56
CA ALA B 184 -23.48 -13.53 20.93
C ALA B 184 -22.53 -12.77 21.87
N ASP B 185 -21.31 -12.54 21.40
CA ASP B 185 -20.32 -11.87 22.23
C ASP B 185 -20.64 -10.39 22.38
N TYR B 186 -21.04 -9.76 21.28
CA TYR B 186 -21.42 -8.35 21.33
C TYR B 186 -22.50 -8.12 22.40
N GLU B 187 -23.46 -9.03 22.47
CA GLU B 187 -24.57 -8.83 23.39
C GLU B 187 -24.25 -9.16 24.86
N LYS B 188 -23.10 -9.78 25.13
CA LYS B 188 -22.72 -10.08 26.51
C LYS B 188 -22.04 -8.91 27.19
N HIS B 189 -21.75 -7.85 26.44
CA HIS B 189 -21.01 -6.74 27.04
C HIS B 189 -21.70 -5.41 26.85
N LYS B 190 -21.25 -4.41 27.60
CA LYS B 190 -21.94 -3.13 27.64
C LYS B 190 -21.15 -1.97 27.07
N VAL B 191 -19.95 -1.77 27.57
CA VAL B 191 -19.19 -0.58 27.22
C VAL B 191 -18.20 -0.89 26.09
N TYR B 192 -18.36 -0.18 24.98
CA TYR B 192 -17.50 -0.31 23.80
C TYR B 192 -16.77 0.99 23.60
N ALA B 193 -15.43 0.95 23.67
CA ALA B 193 -14.66 2.17 23.63
C ALA B 193 -13.47 2.06 22.69
N CYS B 194 -13.24 3.11 21.90
CA CYS B 194 -11.97 3.24 21.22
C CYS B 194 -11.22 4.45 21.75
N GLU B 195 -9.96 4.24 22.12
CA GLU B 195 -9.11 5.30 22.62
C GLU B 195 -8.11 5.74 21.54
N VAL B 196 -8.09 7.04 21.27
CA VAL B 196 -7.29 7.56 20.17
C VAL B 196 -6.12 8.40 20.67
N THR B 197 -4.92 8.03 20.22
CA THR B 197 -3.70 8.76 20.52
C THR B 197 -3.18 9.47 19.26
N HIS B 198 -2.95 10.78 19.36
CA HIS B 198 -2.48 11.57 18.22
C HIS B 198 -1.72 12.79 18.72
N GLN B 199 -0.75 13.23 17.93
CA GLN B 199 0.09 14.37 18.32
C GLN B 199 -0.73 15.63 18.62
N GLY B 200 -1.82 15.84 17.89
CA GLY B 200 -2.69 17.00 18.07
C GLY B 200 -3.57 16.98 19.31
N LEU B 201 -3.58 15.86 20.02
CA LEU B 201 -4.35 15.75 21.26
C LEU B 201 -3.42 15.87 22.45
N SER B 202 -3.75 16.73 23.41
CA SER B 202 -2.94 16.88 24.61
C SER B 202 -2.82 15.53 25.32
N SER B 203 -3.92 14.78 25.33
CA SER B 203 -3.93 13.41 25.86
C SER B 203 -4.93 12.54 25.10
N PRO B 204 -4.75 11.22 25.15
CA PRO B 204 -5.57 10.27 24.39
C PRO B 204 -7.07 10.48 24.61
N VAL B 205 -7.82 10.58 23.52
CA VAL B 205 -9.26 10.81 23.55
C VAL B 205 -10.00 9.48 23.44
N THR B 206 -11.02 9.30 24.26
CA THR B 206 -11.82 8.08 24.25
C THR B 206 -13.26 8.37 23.81
N LYS B 207 -13.75 7.63 22.82
CA LYS B 207 -15.15 7.69 22.43
C LYS B 207 -15.73 6.31 22.69
N SER B 208 -16.92 6.26 23.27
CA SER B 208 -17.54 4.99 23.64
C SER B 208 -19.04 5.08 23.63
N PHE B 209 -19.70 3.93 23.63
CA PHE B 209 -21.12 3.87 23.94
C PHE B 209 -21.35 2.74 24.92
N ASN B 210 -22.49 2.81 25.59
CA ASN B 210 -22.89 1.80 26.55
C ASN B 210 -24.21 1.25 26.04
N ARG B 211 -24.18 0.04 25.49
CA ARG B 211 -25.40 -0.55 24.94
C ARG B 211 -26.26 -1.15 26.05
N GLY B 212 -25.90 -0.88 27.30
CA GLY B 212 -26.67 -1.34 28.44
C GLY B 212 -27.38 -0.17 29.10
N GLU B 213 -27.20 1.01 28.51
CA GLU B 213 -27.76 2.23 29.04
C GLU B 213 -28.69 2.84 28.01
N CYS B 214 -29.99 2.78 28.28
CA CYS B 214 -30.98 3.13 27.27
C CYS B 214 -32.10 4.00 27.83
N ARG C 1 11.72 4.01 -25.10
CA ARG C 1 12.52 3.14 -25.93
C ARG C 1 12.47 1.72 -25.39
N ILE C 2 12.96 1.49 -24.19
CA ILE C 2 12.79 0.20 -23.55
C ILE C 2 11.45 0.08 -22.86
N THR C 3 10.74 -1.00 -23.12
CA THR C 3 9.45 -1.26 -22.52
C THR C 3 9.37 -2.68 -22.05
N LEU C 4 8.72 -2.91 -20.94
CA LEU C 4 8.45 -4.24 -20.44
C LEU C 4 7.02 -4.33 -19.99
N LYS C 5 6.38 -5.45 -20.25
CA LYS C 5 5.05 -5.72 -19.78
C LYS C 5 4.83 -7.12 -19.20
N GLU C 6 4.32 -7.17 -17.99
CA GLU C 6 4.01 -8.41 -17.34
C GLU C 6 2.63 -8.93 -17.73
N SER C 7 2.50 -10.23 -17.90
CA SER C 7 1.23 -10.88 -18.06
C SER C 7 1.10 -12.16 -17.21
N GLY C 8 -0.11 -12.56 -16.89
CA GLY C 8 -0.38 -13.68 -16.05
C GLY C 8 -1.78 -13.71 -15.50
N PRO C 9 -2.12 -14.71 -14.71
CA PRO C 9 -3.46 -14.78 -14.15
C PRO C 9 -3.65 -13.84 -12.99
N PRO C 10 -4.78 -13.19 -12.94
CA PRO C 10 -5.06 -12.28 -11.86
C PRO C 10 -5.38 -13.01 -10.58
N LEU C 11 -5.82 -14.24 -10.69
CA LEU C 11 -6.25 -15.03 -9.58
C LEU C 11 -5.80 -16.49 -9.69
N VAL C 12 -5.24 -16.98 -8.60
CA VAL C 12 -4.69 -18.30 -8.51
C VAL C 12 -5.08 -18.87 -7.16
N LYS C 13 -5.30 -20.16 -7.11
CA LYS C 13 -5.66 -20.83 -5.91
C LYS C 13 -4.45 -21.31 -5.17
N PRO C 14 -4.53 -21.32 -3.86
CA PRO C 14 -3.48 -21.86 -3.04
C PRO C 14 -3.02 -23.25 -3.43
N THR C 15 -1.72 -23.47 -3.39
CA THR C 15 -1.02 -24.69 -3.74
C THR C 15 -0.76 -24.85 -5.21
N GLN C 16 -1.30 -23.96 -6.00
CA GLN C 16 -1.12 -24.02 -7.41
C GLN C 16 0.13 -23.30 -7.83
N THR C 17 0.38 -23.32 -9.11
CA THR C 17 1.56 -22.74 -9.67
C THR C 17 1.24 -21.45 -10.40
N LEU C 18 2.01 -20.44 -10.13
CA LEU C 18 1.88 -19.16 -10.80
C LEU C 18 2.95 -18.97 -11.84
N THR C 19 2.55 -18.65 -13.05
CA THR C 19 3.47 -18.38 -14.13
C THR C 19 3.31 -16.99 -14.66
N LEU C 20 4.33 -16.17 -14.52
CA LEU C 20 4.29 -14.85 -15.04
C LEU C 20 5.27 -14.68 -16.16
N THR C 21 4.85 -13.94 -17.17
CA THR C 21 5.63 -13.65 -18.33
C THR C 21 5.87 -12.18 -18.49
N CYS C 22 7.08 -11.86 -18.85
CA CYS C 22 7.49 -10.53 -19.13
C CYS C 22 7.85 -10.45 -20.58
N SER C 23 7.18 -9.61 -21.33
CA SER C 23 7.51 -9.38 -22.73
C SER C 23 8.12 -8.02 -22.82
N PHE C 24 9.19 -7.88 -23.57
CA PHE C 24 9.87 -6.61 -23.63
C PHE C 24 10.30 -6.19 -25.03
N SER C 25 10.57 -4.92 -25.17
CA SER C 25 11.15 -4.35 -26.37
C SER C 25 12.15 -3.26 -26.06
N GLY C 26 13.07 -3.05 -26.98
CA GLY C 26 14.05 -2.01 -26.84
C GLY C 26 15.41 -2.47 -26.46
N PHE C 27 15.52 -3.73 -26.13
CA PHE C 27 16.77 -4.32 -25.80
C PHE C 27 16.65 -5.74 -26.18
N SER C 28 17.74 -6.45 -26.21
CA SER C 28 17.72 -7.85 -26.51
C SER C 28 18.43 -8.54 -25.41
N LEU C 29 17.99 -9.73 -25.06
CA LEU C 29 18.63 -10.45 -23.99
C LEU C 29 19.94 -11.05 -24.42
N SER C 30 20.35 -10.85 -25.66
CA SER C 30 21.66 -11.27 -26.07
C SER C 30 22.69 -10.16 -25.95
N ASP C 31 22.25 -8.97 -25.58
CA ASP C 31 23.12 -7.87 -25.24
C ASP C 31 23.97 -8.23 -24.04
N PHE C 32 25.25 -7.98 -24.14
CA PHE C 32 26.20 -8.43 -23.17
C PHE C 32 25.91 -8.00 -21.73
N GLY C 33 25.67 -8.98 -20.87
CA GLY C 33 25.52 -8.72 -19.45
C GLY C 33 24.17 -8.21 -19.00
N VAL C 34 23.23 -8.05 -19.94
CA VAL C 34 21.94 -7.58 -19.59
C VAL C 34 21.18 -8.54 -18.68
N GLY C 35 20.42 -7.98 -17.75
CA GLY C 35 19.51 -8.71 -16.91
C GLY C 35 18.06 -8.35 -16.95
N VAL C 36 17.21 -9.30 -16.64
CA VAL C 36 15.82 -9.09 -16.38
C VAL C 36 15.46 -9.66 -15.01
N GLY C 37 14.99 -8.81 -14.13
CA GLY C 37 14.64 -9.18 -12.79
C GLY C 37 13.19 -9.07 -12.41
N TRP C 38 12.81 -9.75 -11.36
CA TRP C 38 11.48 -9.68 -10.83
C TRP C 38 11.47 -9.19 -9.40
N ILE C 39 10.56 -8.30 -9.11
CA ILE C 39 10.36 -7.70 -7.82
C ILE C 39 8.88 -7.71 -7.53
N ARG C 40 8.48 -7.86 -6.28
CA ARG C 40 7.07 -7.80 -5.93
C ARG C 40 6.77 -6.83 -4.81
N GLN C 41 5.54 -6.43 -4.74
CA GLN C 41 5.14 -5.51 -3.73
C GLN C 41 3.81 -5.88 -3.16
N PRO C 42 3.82 -6.41 -1.96
CA PRO C 42 2.60 -6.77 -1.28
C PRO C 42 1.79 -5.53 -0.96
N PRO C 43 0.48 -5.65 -0.97
CA PRO C 43 -0.40 -4.52 -0.71
C PRO C 43 0.04 -3.74 0.53
N GLY C 44 0.26 -2.45 0.39
CA GLY C 44 0.71 -1.60 1.46
C GLY C 44 2.14 -1.76 1.98
N LYS C 45 2.92 -2.62 1.34
CA LYS C 45 4.24 -2.89 1.81
C LYS C 45 5.32 -2.46 0.86
N ALA C 46 6.54 -2.79 1.24
CA ALA C 46 7.70 -2.42 0.49
C ALA C 46 8.03 -3.36 -0.64
N LEU C 47 8.98 -2.96 -1.43
CA LEU C 47 9.49 -3.75 -2.52
C LEU C 47 10.31 -4.90 -2.03
N GLU C 48 10.18 -6.03 -2.67
CA GLU C 48 10.84 -7.22 -2.30
C GLU C 48 11.47 -7.93 -3.52
N TRP C 49 12.78 -8.13 -3.48
CA TRP C 49 13.49 -8.74 -4.57
C TRP C 49 13.28 -10.24 -4.67
N LEU C 50 12.93 -10.68 -5.85
CA LEU C 50 12.64 -12.07 -6.15
C LEU C 50 13.69 -12.86 -6.89
N ALA C 51 14.14 -12.38 -8.03
CA ALA C 51 15.01 -13.13 -8.89
C ALA C 51 15.55 -12.30 -10.03
N ILE C 52 16.60 -12.79 -10.66
CA ILE C 52 17.22 -12.21 -11.84
C ILE C 52 17.80 -13.27 -12.77
N ILE C 53 17.68 -13.07 -14.06
CA ILE C 53 18.32 -13.90 -15.05
C ILE C 53 19.13 -13.01 -15.98
N TYR C 54 20.27 -13.47 -16.44
CA TYR C 54 21.11 -12.70 -17.33
C TYR C 54 21.23 -13.28 -18.75
N SER C 55 21.85 -12.54 -19.62
CA SER C 55 22.02 -12.94 -21.00
C SER C 55 22.79 -14.22 -21.23
N ASP C 56 23.65 -14.58 -20.29
CA ASP C 56 24.37 -15.81 -20.34
C ASP C 56 23.74 -16.96 -19.61
N ASP C 57 22.48 -16.83 -19.20
CA ASP C 57 21.70 -17.84 -18.51
C ASP C 57 22.08 -18.06 -17.06
N ASP C 58 22.86 -17.15 -16.51
CA ASP C 58 23.09 -17.02 -15.10
C ASP C 58 21.81 -16.55 -14.41
N LYS C 59 21.47 -17.15 -13.30
CA LYS C 59 20.23 -16.93 -12.58
C LYS C 59 20.47 -16.84 -11.11
N ARG C 60 19.78 -15.94 -10.45
CA ARG C 60 19.80 -15.84 -9.00
C ARG C 60 18.42 -15.69 -8.41
N TYR C 61 18.21 -16.27 -7.24
CA TYR C 61 16.95 -16.27 -6.55
C TYR C 61 17.04 -15.77 -5.12
N SER C 62 16.02 -15.10 -4.66
CA SER C 62 15.86 -14.81 -3.26
C SER C 62 16.00 -16.07 -2.42
N PRO C 63 16.90 -16.08 -1.48
CA PRO C 63 17.19 -17.30 -0.76
C PRO C 63 16.00 -17.90 -0.06
N SER C 64 15.11 -17.10 0.47
CA SER C 64 13.98 -17.62 1.17
C SER C 64 12.86 -18.16 0.30
N LEU C 65 12.98 -17.99 -1.00
CA LEU C 65 12.01 -18.50 -1.94
C LEU C 65 12.63 -19.35 -3.00
N ASN C 66 13.87 -19.71 -2.87
CA ASN C 66 14.49 -20.43 -3.94
C ASN C 66 13.95 -21.83 -4.18
N THR C 67 13.32 -22.44 -3.21
CA THR C 67 12.65 -23.72 -3.43
C THR C 67 11.42 -23.63 -4.32
N ARG C 68 10.80 -22.49 -4.39
CA ARG C 68 9.60 -22.30 -5.18
C ARG C 68 9.76 -21.51 -6.47
N LEU C 69 10.91 -20.91 -6.69
CA LEU C 69 11.13 -20.07 -7.84
C LEU C 69 11.99 -20.69 -8.90
N THR C 70 11.58 -20.47 -10.13
CA THR C 70 12.27 -20.84 -11.33
C THR C 70 12.21 -19.70 -12.36
N ILE C 71 13.35 -19.26 -12.84
CA ILE C 71 13.40 -18.23 -13.86
C ILE C 71 14.00 -18.74 -15.17
N THR C 72 13.43 -18.32 -16.29
CA THR C 72 13.82 -18.80 -17.60
C THR C 72 13.66 -17.71 -18.64
N LYS C 73 14.26 -17.88 -19.80
CA LYS C 73 14.21 -16.88 -20.85
C LYS C 73 14.07 -17.49 -22.23
N ASP C 74 13.50 -16.74 -23.15
CA ASP C 74 13.51 -17.04 -24.55
C ASP C 74 14.00 -15.83 -25.30
N THR C 75 15.25 -15.85 -25.71
CA THR C 75 15.85 -14.68 -26.30
C THR C 75 15.30 -14.29 -27.64
N SER C 76 14.85 -15.24 -28.42
CA SER C 76 14.29 -14.88 -29.69
C SER C 76 12.87 -14.34 -29.58
N LYS C 77 12.21 -14.62 -28.49
CA LYS C 77 10.87 -14.13 -28.26
C LYS C 77 10.81 -12.88 -27.43
N ASN C 78 11.93 -12.45 -26.92
CA ASN C 78 12.01 -11.33 -26.01
C ASN C 78 11.10 -11.48 -24.82
N GLN C 79 11.15 -12.64 -24.20
CA GLN C 79 10.34 -12.97 -23.04
C GLN C 79 11.16 -13.60 -21.95
N VAL C 80 10.81 -13.29 -20.73
CA VAL C 80 11.30 -13.94 -19.54
C VAL C 80 10.12 -14.47 -18.72
N VAL C 81 10.23 -15.68 -18.21
CA VAL C 81 9.18 -16.27 -17.42
C VAL C 81 9.61 -16.52 -15.98
N LEU C 82 8.75 -16.20 -15.05
CA LEU C 82 8.93 -16.53 -13.66
C LEU C 82 7.87 -17.51 -13.21
N VAL C 83 8.29 -18.63 -12.66
CA VAL C 83 7.40 -19.63 -12.15
C VAL C 83 7.50 -19.76 -10.64
N MET C 84 6.38 -19.64 -9.96
CA MET C 84 6.30 -19.81 -8.53
C MET C 84 5.36 -20.96 -8.14
N THR C 85 5.90 -21.94 -7.47
CA THR C 85 5.14 -23.11 -7.06
C THR C 85 4.57 -22.99 -5.66
N ARG C 86 3.57 -23.80 -5.37
CA ARG C 86 2.93 -23.85 -4.07
C ARG C 86 2.61 -22.51 -3.49
N VAL C 87 1.83 -21.72 -4.17
CA VAL C 87 1.53 -20.40 -3.70
C VAL C 87 0.56 -20.41 -2.54
N SER C 88 0.65 -19.40 -1.73
CA SER C 88 -0.29 -19.13 -0.69
C SER C 88 -0.70 -17.68 -0.71
N PRO C 89 -1.64 -17.29 0.14
CA PRO C 89 -2.10 -15.92 0.21
C PRO C 89 -1.04 -14.89 0.56
N VAL C 90 0.02 -15.31 1.21
CA VAL C 90 1.17 -14.49 1.44
C VAL C 90 1.81 -13.99 0.16
N ASP C 91 1.56 -14.68 -0.94
CA ASP C 91 2.10 -14.33 -2.24
C ASP C 91 1.25 -13.35 -3.04
N THR C 92 0.15 -12.88 -2.49
CA THR C 92 -0.63 -11.81 -3.07
C THR C 92 0.22 -10.55 -3.13
N ALA C 93 0.39 -9.98 -4.29
CA ALA C 93 1.23 -8.82 -4.50
C ALA C 93 1.12 -8.30 -5.90
N THR C 94 1.67 -7.15 -6.14
CA THR C 94 1.91 -6.69 -7.48
C THR C 94 3.31 -7.09 -7.85
N TYR C 95 3.43 -7.78 -8.97
CA TYR C 95 4.66 -8.27 -9.53
C TYR C 95 5.20 -7.42 -10.69
N PHE C 96 6.43 -6.96 -10.54
CA PHE C 96 7.10 -6.16 -11.52
C PHE C 96 8.27 -6.90 -12.15
N CYS C 97 8.39 -6.85 -13.45
CA CYS C 97 9.61 -7.18 -14.09
C CYS C 97 10.38 -5.90 -14.36
N ALA C 98 11.68 -6.00 -14.51
CA ALA C 98 12.55 -4.86 -14.68
C ALA C 98 13.86 -5.18 -15.39
N HIS C 99 14.39 -4.20 -16.08
CA HIS C 99 15.61 -4.30 -16.83
C HIS C 99 16.84 -3.84 -16.05
N ARG C 100 17.92 -4.57 -16.16
CA ARG C 100 19.22 -4.18 -15.65
C ARG C 100 20.20 -4.08 -16.78
N ARG C 101 20.88 -2.97 -16.85
CA ARG C 101 21.88 -2.76 -17.85
C ARG C 101 23.11 -3.59 -17.60
N GLY C 102 23.76 -3.94 -18.67
CA GLY C 102 25.08 -4.47 -18.63
C GLY C 102 26.11 -3.38 -18.46
N PRO C 103 27.35 -3.76 -18.34
CA PRO C 103 28.43 -2.83 -18.14
C PRO C 103 28.74 -2.01 -19.36
N THR C 104 29.36 -0.87 -19.15
CA THR C 104 29.96 -0.12 -20.21
C THR C 104 31.02 -0.97 -20.87
N THR C 105 30.90 -1.15 -22.17
CA THR C 105 31.88 -1.90 -22.93
C THR C 105 32.53 -1.09 -24.04
N LEU C 106 33.76 -1.47 -24.36
CA LEU C 106 34.48 -0.97 -25.50
C LEU C 106 35.01 -2.16 -26.26
N PHE C 107 34.73 -2.24 -27.54
CA PHE C 107 35.03 -3.45 -28.26
C PHE C 107 34.39 -4.65 -27.60
N GLY C 108 33.24 -4.49 -26.99
CA GLY C 108 32.55 -5.61 -26.42
C GLY C 108 33.10 -6.15 -25.13
N VAL C 109 34.12 -5.49 -24.61
CA VAL C 109 34.68 -5.85 -23.32
C VAL C 109 34.43 -4.75 -22.32
N PRO C 110 34.10 -5.13 -21.11
CA PRO C 110 33.64 -4.22 -20.08
C PRO C 110 34.71 -3.32 -19.56
N ILE C 111 34.41 -2.06 -19.43
CA ILE C 111 35.36 -1.09 -18.93
C ILE C 111 34.90 -0.40 -17.66
N ALA C 112 33.62 -0.49 -17.35
CA ALA C 112 33.06 0.16 -16.20
C ALA C 112 31.80 -0.50 -15.66
N ARG C 113 31.80 -0.74 -14.36
CA ARG C 113 30.70 -1.32 -13.62
C ARG C 113 29.50 -0.39 -13.46
N GLY C 114 29.74 0.90 -13.28
CA GLY C 114 28.69 1.86 -12.98
C GLY C 114 27.27 1.44 -13.31
N PRO C 115 26.90 1.60 -14.58
CA PRO C 115 25.52 1.46 -15.09
C PRO C 115 24.71 0.26 -14.58
N VAL C 116 25.36 -0.82 -14.23
CA VAL C 116 24.68 -2.00 -13.73
C VAL C 116 24.03 -1.83 -12.38
N ASN C 117 24.39 -0.79 -11.67
CA ASN C 117 23.96 -0.65 -10.30
C ASN C 117 22.62 0.08 -10.12
N ALA C 118 21.59 -0.51 -10.70
CA ALA C 118 20.21 -0.09 -10.68
C ALA C 118 19.40 -0.98 -11.59
N MET C 119 18.10 -1.03 -11.36
CA MET C 119 17.13 -1.54 -12.29
C MET C 119 16.49 -0.35 -12.96
N ASP C 120 16.81 -0.12 -14.20
CA ASP C 120 16.56 1.16 -14.83
C ASP C 120 15.23 1.36 -15.50
N VAL C 121 14.59 0.29 -15.90
CA VAL C 121 13.28 0.38 -16.47
C VAL C 121 12.41 -0.73 -15.90
N TRP C 122 11.26 -0.36 -15.41
CA TRP C 122 10.34 -1.28 -14.82
C TRP C 122 9.11 -1.40 -15.67
N GLY C 123 8.47 -2.55 -15.59
CA GLY C 123 7.18 -2.74 -16.19
C GLY C 123 6.12 -2.09 -15.33
N GLN C 124 4.90 -2.08 -15.83
CA GLN C 124 3.81 -1.42 -15.13
C GLN C 124 3.37 -2.17 -13.89
N GLY C 125 3.57 -3.46 -13.86
CA GLY C 125 3.16 -4.27 -12.76
C GLY C 125 1.92 -5.09 -13.00
N ILE C 126 1.88 -6.30 -12.48
CA ILE C 126 0.68 -7.09 -12.53
C ILE C 126 0.26 -7.53 -11.15
N THR C 127 -1.01 -7.30 -10.84
CA THR C 127 -1.59 -7.72 -9.58
C THR C 127 -2.05 -9.14 -9.67
N VAL C 128 -1.59 -9.93 -8.74
CA VAL C 128 -1.95 -11.30 -8.61
C VAL C 128 -2.48 -11.53 -7.24
N THR C 129 -3.62 -12.18 -7.15
CA THR C 129 -4.22 -12.49 -5.88
C THR C 129 -4.25 -13.99 -5.70
N ILE C 130 -3.82 -14.48 -4.55
CA ILE C 130 -3.95 -15.88 -4.22
C ILE C 130 -5.03 -16.06 -3.20
N SER C 131 -6.02 -16.84 -3.55
CA SER C 131 -7.22 -17.03 -2.74
C SER C 131 -8.02 -18.23 -3.17
N SER C 132 -8.66 -18.88 -2.20
CA SER C 132 -9.58 -19.95 -2.48
C SER C 132 -11.03 -19.53 -2.45
N THR C 133 -11.27 -18.25 -2.29
CA THR C 133 -12.60 -17.70 -2.30
C THR C 133 -13.36 -17.72 -3.61
N SER C 134 -14.67 -17.73 -3.49
CA SER C 134 -15.57 -17.73 -4.62
C SER C 134 -16.24 -16.40 -4.73
N THR C 135 -16.66 -16.04 -5.92
CA THR C 135 -17.29 -14.77 -6.15
C THR C 135 -18.48 -14.54 -5.24
N LYS C 136 -18.59 -13.37 -4.67
CA LYS C 136 -19.62 -13.09 -3.70
C LYS C 136 -19.90 -11.63 -3.60
N GLY C 137 -21.15 -11.25 -3.65
CA GLY C 137 -21.54 -9.89 -3.56
C GLY C 137 -21.61 -9.41 -2.14
N PRO C 138 -21.48 -8.13 -1.93
CA PRO C 138 -21.44 -7.59 -0.59
C PRO C 138 -22.78 -7.51 0.11
N SER C 139 -22.74 -7.47 1.42
CA SER C 139 -23.85 -7.03 2.23
C SER C 139 -23.59 -5.59 2.59
N VAL C 140 -24.60 -4.75 2.57
CA VAL C 140 -24.44 -3.35 2.90
C VAL C 140 -25.19 -3.01 4.17
N PHE C 141 -24.50 -2.42 5.11
CA PHE C 141 -25.06 -2.07 6.38
C PHE C 141 -24.83 -0.61 6.65
N PRO C 142 -25.71 0.00 7.39
CA PRO C 142 -25.61 1.43 7.63
C PRO C 142 -24.75 1.82 8.82
N LEU C 143 -24.12 2.95 8.75
CA LEU C 143 -23.50 3.57 9.88
C LEU C 143 -24.30 4.81 10.20
N ALA C 144 -25.24 4.69 11.12
CA ALA C 144 -26.16 5.75 11.42
C ALA C 144 -25.55 6.91 12.15
N PRO C 145 -25.87 8.10 11.72
CA PRO C 145 -25.42 9.30 12.40
C PRO C 145 -26.01 9.34 13.77
N SER C 146 -25.32 9.97 14.68
CA SER C 146 -25.83 9.99 16.02
C SER C 146 -25.27 11.10 16.84
N SER C 147 -25.58 11.05 18.12
CA SER C 147 -24.95 11.93 19.09
C SER C 147 -23.50 11.51 19.24
N LYS C 148 -23.25 10.21 19.11
CA LYS C 148 -21.92 9.60 19.20
C LYS C 148 -21.09 9.82 17.94
N SER C 149 -21.72 10.40 16.93
CA SER C 149 -21.06 10.75 15.69
C SER C 149 -21.31 12.22 15.29
N THR C 150 -21.15 13.13 16.26
CA THR C 150 -21.36 14.57 16.05
C THR C 150 -20.19 15.46 16.44
N SER C 151 -20.06 16.59 15.75
CA SER C 151 -18.94 17.50 15.98
C SER C 151 -19.44 18.94 16.02
N GLY C 152 -20.22 19.24 17.04
CA GLY C 152 -20.90 20.50 17.09
C GLY C 152 -22.07 20.48 16.14
N GLY C 153 -21.91 21.10 15.00
CA GLY C 153 -22.96 21.14 14.01
C GLY C 153 -22.69 20.20 12.87
N THR C 154 -21.74 19.30 13.08
CA THR C 154 -21.33 18.34 12.07
C THR C 154 -21.56 16.90 12.52
N ALA C 155 -22.17 16.11 11.65
CA ALA C 155 -22.43 14.72 11.92
C ALA C 155 -21.74 13.81 10.91
N ALA C 156 -21.41 12.60 11.30
CA ALA C 156 -20.86 11.64 10.37
C ALA C 156 -21.78 10.46 10.17
N LEU C 157 -21.84 9.97 8.96
CA LEU C 157 -22.59 8.79 8.66
C LEU C 157 -21.93 7.96 7.60
N GLY C 158 -22.42 6.78 7.36
CA GLY C 158 -21.82 5.93 6.38
C GLY C 158 -22.44 4.61 6.06
N CYS C 159 -21.74 3.86 5.24
CA CYS C 159 -22.16 2.55 4.82
C CYS C 159 -21.00 1.63 5.07
N LEU C 160 -21.28 0.46 5.62
CA LEU C 160 -20.30 -0.57 5.80
C LEU C 160 -20.55 -1.61 4.75
N VAL C 161 -19.60 -1.84 3.88
CA VAL C 161 -19.75 -2.76 2.78
C VAL C 161 -18.97 -4.05 3.03
N LYS C 162 -19.67 -5.11 3.39
CA LYS C 162 -19.07 -6.29 3.94
C LYS C 162 -19.18 -7.59 3.18
N ASP C 163 -18.09 -8.32 3.16
CA ASP C 163 -18.00 -9.71 2.74
C ASP C 163 -18.12 -9.99 1.25
N TYR C 164 -17.31 -9.34 0.45
CA TYR C 164 -17.30 -9.53 -0.98
C TYR C 164 -15.98 -10.08 -1.51
N PHE C 165 -16.08 -10.73 -2.65
CA PHE C 165 -14.95 -11.22 -3.40
C PHE C 165 -15.31 -11.29 -4.88
N PRO C 166 -14.46 -10.82 -5.76
CA PRO C 166 -13.20 -10.17 -5.45
C PRO C 166 -13.36 -8.67 -5.41
N GLU C 167 -12.24 -7.96 -5.44
CA GLU C 167 -12.26 -6.54 -5.70
C GLU C 167 -12.56 -6.33 -7.18
N PRO C 168 -13.12 -5.17 -7.53
CA PRO C 168 -13.38 -4.12 -6.54
C PRO C 168 -14.86 -3.73 -6.46
N VAL C 169 -15.15 -2.86 -5.52
CA VAL C 169 -16.47 -2.35 -5.27
C VAL C 169 -16.40 -0.85 -5.48
N THR C 170 -17.44 -0.26 -6.01
CA THR C 170 -17.53 1.17 -6.14
C THR C 170 -18.68 1.74 -5.33
N VAL C 171 -18.44 2.86 -4.70
CA VAL C 171 -19.42 3.52 -3.86
C VAL C 171 -19.56 4.97 -4.20
N SER C 172 -20.79 5.38 -4.43
CA SER C 172 -21.12 6.79 -4.51
C SER C 172 -22.22 7.13 -3.51
N TRP C 173 -22.49 8.40 -3.32
CA TRP C 173 -23.53 8.87 -2.42
C TRP C 173 -24.55 9.72 -3.14
N ASN C 174 -25.81 9.43 -2.91
CA ASN C 174 -26.91 10.15 -3.54
C ASN C 174 -26.77 10.21 -5.05
N SER C 175 -26.53 9.06 -5.65
CA SER C 175 -26.34 8.89 -7.07
C SER C 175 -25.31 9.82 -7.64
N GLY C 176 -24.38 10.27 -6.82
CA GLY C 176 -23.30 11.10 -7.28
C GLY C 176 -23.41 12.57 -6.96
N ALA C 177 -24.50 12.96 -6.36
CA ALA C 177 -24.73 14.35 -6.04
C ALA C 177 -24.00 14.83 -4.79
N LEU C 178 -23.57 13.90 -3.96
CA LEU C 178 -22.80 14.20 -2.76
C LEU C 178 -21.39 13.65 -2.91
N THR C 179 -20.42 14.54 -2.90
CA THR C 179 -19.02 14.20 -3.07
C THR C 179 -18.16 14.85 -2.02
N SER C 180 -18.63 15.96 -1.49
CA SER C 180 -17.88 16.71 -0.54
C SER C 180 -17.94 16.02 0.79
N GLY C 181 -16.82 15.85 1.44
CA GLY C 181 -16.78 15.25 2.75
C GLY C 181 -16.91 13.77 2.76
N VAL C 182 -16.94 13.17 1.59
CA VAL C 182 -16.97 11.74 1.45
C VAL C 182 -15.57 11.18 1.54
N HIS C 183 -15.44 10.11 2.28
CA HIS C 183 -14.24 9.33 2.39
C HIS C 183 -14.58 7.88 2.19
N THR C 184 -14.12 7.32 1.09
CA THR C 184 -14.27 5.91 0.84
C THR C 184 -12.95 5.24 1.11
N PHE C 185 -12.91 4.40 2.11
CA PHE C 185 -11.69 3.74 2.55
C PHE C 185 -11.28 2.55 1.69
N PRO C 186 -9.99 2.33 1.59
CA PRO C 186 -9.46 1.16 0.92
C PRO C 186 -9.97 -0.10 1.63
N ALA C 187 -10.21 -1.13 0.85
CA ALA C 187 -10.68 -2.36 1.36
C ALA C 187 -9.63 -3.06 2.20
N VAL C 188 -10.08 -3.80 3.18
CA VAL C 188 -9.26 -4.72 3.92
C VAL C 188 -9.70 -6.13 3.67
N LEU C 189 -8.75 -7.03 3.69
CA LEU C 189 -8.99 -8.43 3.56
C LEU C 189 -9.20 -9.00 4.93
N GLN C 190 -10.35 -9.58 5.14
CA GLN C 190 -10.70 -10.10 6.43
C GLN C 190 -10.16 -11.46 6.59
N SER C 191 -10.19 -11.94 7.81
CA SER C 191 -9.80 -13.29 8.13
C SER C 191 -10.53 -14.37 7.36
N SER C 192 -11.79 -14.15 7.03
CA SER C 192 -12.56 -15.04 6.20
C SER C 192 -12.11 -15.17 4.77
N GLY C 193 -11.24 -14.28 4.33
CA GLY C 193 -10.84 -14.26 2.94
C GLY C 193 -11.67 -13.35 2.11
N LEU C 194 -12.57 -12.63 2.73
CA LEU C 194 -13.44 -11.72 2.03
C LEU C 194 -13.09 -10.29 2.34
N TYR C 195 -13.36 -9.39 1.43
CA TYR C 195 -13.06 -8.00 1.64
C TYR C 195 -14.18 -7.25 2.29
N SER C 196 -13.84 -6.12 2.87
CA SER C 196 -14.80 -5.19 3.35
C SER C 196 -14.23 -3.80 3.38
N LEU C 197 -15.07 -2.81 3.15
CA LEU C 197 -14.69 -1.42 3.22
C LEU C 197 -15.78 -0.60 3.79
N SER C 198 -15.50 0.65 4.06
CA SER C 198 -16.51 1.57 4.47
C SER C 198 -16.35 2.93 3.82
N SER C 199 -17.45 3.59 3.59
CA SER C 199 -17.50 4.93 3.08
C SER C 199 -18.25 5.79 4.07
N VAL C 200 -17.71 6.94 4.40
CA VAL C 200 -18.36 7.81 5.33
C VAL C 200 -18.48 9.21 4.76
N VAL C 201 -19.36 10.00 5.33
CA VAL C 201 -19.52 11.38 4.92
C VAL C 201 -19.87 12.28 6.09
N THR C 202 -19.29 13.46 6.13
CA THR C 202 -19.68 14.45 7.11
C THR C 202 -20.63 15.46 6.54
N VAL C 203 -21.71 15.68 7.27
CA VAL C 203 -22.77 16.56 6.88
C VAL C 203 -23.16 17.43 8.06
N PRO C 204 -23.99 18.43 7.81
CA PRO C 204 -24.49 19.28 8.88
C PRO C 204 -25.56 18.58 9.64
N SER C 205 -25.49 18.62 10.95
CA SER C 205 -26.46 17.97 11.81
C SER C 205 -27.86 18.44 11.57
N SER C 206 -27.97 19.62 10.99
CA SER C 206 -29.27 20.20 10.77
C SER C 206 -29.94 19.57 9.59
N SER C 207 -29.16 19.11 8.64
CA SER C 207 -29.73 18.54 7.45
C SER C 207 -30.33 17.17 7.72
N LEU C 208 -29.92 16.51 8.77
CA LEU C 208 -30.30 15.14 9.02
C LEU C 208 -31.80 14.96 9.07
N GLY C 209 -32.50 16.00 9.46
CA GLY C 209 -33.94 15.94 9.55
C GLY C 209 -34.61 15.91 8.21
N THR C 210 -34.01 16.56 7.23
CA THR C 210 -34.64 16.77 5.94
C THR C 210 -33.99 16.06 4.78
N GLN C 211 -32.67 16.11 4.68
CA GLN C 211 -31.97 15.53 3.57
C GLN C 211 -31.87 14.04 3.68
N THR C 212 -31.97 13.35 2.55
CA THR C 212 -31.88 11.90 2.47
C THR C 212 -30.50 11.49 2.03
N TYR C 213 -29.97 10.41 2.59
CA TYR C 213 -28.63 9.92 2.29
C TYR C 213 -28.62 8.49 1.90
N ILE C 214 -28.12 8.21 0.72
CA ILE C 214 -28.10 6.90 0.15
C ILE C 214 -26.75 6.57 -0.42
N CYS C 215 -26.18 5.45 -0.05
CA CYS C 215 -24.95 5.04 -0.67
C CYS C 215 -25.27 4.04 -1.74
N ASN C 216 -24.70 4.25 -2.89
CA ASN C 216 -24.90 3.37 -4.02
C ASN C 216 -23.67 2.48 -4.15
N VAL C 217 -23.91 1.18 -4.15
CA VAL C 217 -22.83 0.22 -4.12
C VAL C 217 -22.94 -0.68 -5.33
N ASN C 218 -21.85 -0.82 -6.07
CA ASN C 218 -21.82 -1.68 -7.24
C ASN C 218 -20.63 -2.60 -7.15
N HIS C 219 -20.90 -3.90 -7.17
CA HIS C 219 -19.87 -4.93 -7.24
C HIS C 219 -20.05 -5.66 -8.56
N LYS C 220 -19.30 -5.24 -9.56
CA LYS C 220 -19.49 -5.74 -10.93
C LYS C 220 -19.25 -7.24 -11.13
N PRO C 221 -18.25 -7.82 -10.46
CA PRO C 221 -18.00 -9.26 -10.65
C PRO C 221 -19.16 -10.16 -10.24
N SER C 222 -19.98 -9.75 -9.29
CA SER C 222 -21.15 -10.56 -8.93
C SER C 222 -22.46 -9.95 -9.49
N ASN C 223 -22.32 -8.94 -10.35
CA ASN C 223 -23.46 -8.15 -10.83
C ASN C 223 -24.42 -7.78 -9.70
N THR C 224 -23.87 -7.26 -8.61
CA THR C 224 -24.66 -6.86 -7.45
C THR C 224 -24.67 -5.34 -7.36
N LYS C 225 -25.86 -4.75 -7.36
CA LYS C 225 -25.98 -3.33 -7.06
C LYS C 225 -26.97 -3.14 -5.91
N VAL C 226 -26.64 -2.23 -5.02
CA VAL C 226 -27.46 -1.97 -3.83
C VAL C 226 -27.52 -0.47 -3.59
N ASP C 227 -28.73 0.02 -3.32
CA ASP C 227 -28.92 1.38 -2.84
C ASP C 227 -29.34 1.27 -1.39
N LYS C 228 -28.53 1.82 -0.49
CA LYS C 228 -28.80 1.73 0.94
C LYS C 228 -29.06 3.09 1.53
N ARG C 229 -30.26 3.30 2.03
CA ARG C 229 -30.57 4.58 2.64
C ARG C 229 -30.06 4.55 4.08
N VAL C 230 -29.40 5.61 4.50
CA VAL C 230 -28.85 5.69 5.84
C VAL C 230 -29.52 6.83 6.61
N GLU C 231 -30.13 6.50 7.75
CA GLU C 231 -30.86 7.50 8.50
C GLU C 231 -30.60 7.41 10.00
N PRO C 232 -30.92 8.49 10.72
CA PRO C 232 -30.79 8.52 12.19
C PRO C 232 -31.56 7.38 12.85
N LYS C 233 -31.00 6.82 13.91
CA LYS C 233 -31.73 5.84 14.71
C LYS C 233 -32.94 6.54 15.32
N SER C 234 -33.98 5.76 15.59
CA SER C 234 -35.22 6.29 16.16
C SER C 234 -35.02 7.21 17.39
N CYS C 235 -34.11 6.84 18.30
CA CYS C 235 -33.88 7.63 19.51
C CYS C 235 -33.36 9.05 19.23
N ASP C 236 -32.68 9.22 18.10
CA ASP C 236 -32.13 10.54 17.73
C ASP C 236 -33.14 11.40 16.97
N LYS C 237 -34.40 10.96 16.93
CA LYS C 237 -35.46 11.73 16.27
C LYS C 237 -36.44 12.37 17.26
#